data_3O6D
#
_entry.id   3O6D
#
_cell.length_a   90.239
_cell.length_b   90.239
_cell.length_c   156.081
_cell.angle_alpha   90.000
_cell.angle_beta   90.000
_cell.angle_gamma   90.000
#
_symmetry.space_group_name_H-M   'I 4 2 2'
#
loop_
_entity.id
_entity.type
_entity.pdbx_description
1 polymer "Pyridoxine 5'-phosphate synthase"
2 non-polymer "PYRIDOXINE-5'-PHOSPHATE"
3 non-polymer 'PHOSPHATE ION'
4 water water
#
_entity_poly.entity_id   1
_entity_poly.type   'polypeptide(L)'
_entity_poly.pdbx_seq_one_letter_code
;SNA(MSE)LLGVNIDHIAVLRQAR(MSE)VNDPDLLEAAFIVARHGDQITLHVREDRRHAQDFDLENIIKFCKSPVNLEC
ALNDEILNLALKLKPHRVTLVPEKREELTTEGGLCLNHAKLKQSIEKLQNANIEVSLFINPSLEDIEKSKILKAQFIELH
TGHYANLHNALFSNISHTAFALKELDQDKKTLQAQFEKELQNLELCAKKGLELGLKVAAGHGLNYKNVKPVVKIKEICEL
NIGQSIVARSVFTGLQNAILE(MSE)KELIKR
;
_entity_poly.pdbx_strand_id   A
#
loop_
_chem_comp.id
_chem_comp.type
_chem_comp.name
_chem_comp.formula
PO4 non-polymer 'PHOSPHATE ION' 'O4 P -3'
PXP non-polymer PYRIDOXINE-5'-PHOSPHATE 'C8 H12 N O6 P'
#
# COMPACT_ATOMS: atom_id res chain seq x y z
N ASN A 2 -18.40 10.21 -1.36
CA ASN A 2 -16.93 10.04 -1.60
CA ASN A 2 -16.93 10.05 -1.65
C ASN A 2 -16.60 8.58 -1.93
N ALA A 3 -16.67 8.21 -3.20
CA ALA A 3 -16.42 6.81 -3.60
C ALA A 3 -14.96 6.47 -3.32
N MSE A 4 -14.68 5.33 -2.67
CA MSE A 4 -13.30 4.93 -2.37
CA MSE A 4 -13.31 4.90 -2.37
C MSE A 4 -12.61 4.46 -3.63
O MSE A 4 -13.19 3.75 -4.44
CB MSE A 4 -13.26 3.84 -1.30
CB MSE A 4 -13.34 3.72 -1.38
CG MSE A 4 -12.18 4.01 -0.25
CG MSE A 4 -11.97 3.24 -0.96
SE MSE A 4 -12.72 2.82 1.21
SE MSE A 4 -11.20 4.36 0.44
CE MSE A 4 -11.55 3.53 2.55
CE MSE A 4 -11.62 3.23 1.97
N LEU A 5 -11.35 4.87 -3.82
CA LEU A 5 -10.58 4.44 -4.97
C LEU A 5 -9.79 3.21 -4.57
N LEU A 6 -9.53 2.32 -5.55
CA LEU A 6 -8.79 1.07 -5.35
C LEU A 6 -7.54 1.01 -6.21
N GLY A 7 -6.39 1.00 -5.55
CA GLY A 7 -5.10 0.78 -6.21
C GLY A 7 -4.83 -0.71 -6.07
N VAL A 8 -4.58 -1.38 -7.18
CA VAL A 8 -4.24 -2.82 -7.13
C VAL A 8 -2.75 -3.02 -7.27
N ASN A 9 -2.11 -3.55 -6.21
CA ASN A 9 -0.68 -3.84 -6.23
C ASN A 9 -0.50 -5.25 -6.86
N ILE A 10 0.30 -5.31 -7.94
CA ILE A 10 0.44 -6.51 -8.72
C ILE A 10 1.73 -7.23 -8.39
N ASP A 11 2.36 -6.88 -7.26
CA ASP A 11 3.58 -7.52 -6.85
C ASP A 11 3.50 -9.05 -6.84
N HIS A 12 2.43 -9.62 -6.23
CA HIS A 12 2.37 -11.06 -6.06
C HIS A 12 2.07 -11.83 -7.36
N ILE A 13 1.62 -11.16 -8.41
CA ILE A 13 1.53 -11.78 -9.69
C ILE A 13 2.97 -11.91 -10.21
N ALA A 14 3.76 -10.89 -10.02
CA ALA A 14 5.19 -11.00 -10.36
C ALA A 14 5.94 -12.03 -9.49
N VAL A 15 5.58 -12.18 -8.21
CA VAL A 15 6.12 -13.26 -7.37
C VAL A 15 5.92 -14.63 -8.04
N LEU A 16 4.70 -14.91 -8.50
CA LEU A 16 4.44 -16.15 -9.18
C LEU A 16 5.32 -16.27 -10.41
N ARG A 17 5.35 -15.22 -11.22
CA ARG A 17 6.15 -15.25 -12.44
C ARG A 17 7.64 -15.61 -12.12
N GLN A 18 8.20 -14.95 -11.16
CA GLN A 18 9.64 -15.10 -10.85
C GLN A 18 9.90 -16.46 -10.22
N ALA A 19 8.85 -17.12 -9.73
CA ALA A 19 9.01 -18.44 -9.15
C ALA A 19 9.44 -19.49 -10.16
N ARG A 20 9.03 -19.36 -11.44
CA ARG A 20 9.42 -20.31 -12.48
C ARG A 20 10.25 -19.70 -13.62
N MSE A 21 10.23 -18.39 -13.82
CA MSE A 21 11.08 -17.72 -14.83
C MSE A 21 10.71 -18.12 -16.22
O MSE A 21 11.59 -18.30 -17.08
CB MSE A 21 12.57 -17.99 -14.61
CG MSE A 21 13.04 -17.51 -13.26
SE MSE A 21 12.86 -15.64 -12.85
CE MSE A 21 13.86 -15.75 -11.10
N VAL A 22 9.41 -18.34 -16.46
CA VAL A 22 8.94 -18.60 -17.82
C VAL A 22 7.95 -17.56 -18.36
N ASN A 23 7.99 -16.36 -17.81
CA ASN A 23 7.14 -15.24 -18.24
C ASN A 23 5.62 -15.55 -18.15
N ASP A 24 5.25 -16.32 -17.11
CA ASP A 24 3.89 -16.78 -16.92
C ASP A 24 3.64 -16.90 -15.40
N PRO A 25 2.66 -16.16 -14.85
CA PRO A 25 1.78 -15.21 -15.51
C PRO A 25 2.52 -14.01 -16.10
N ASP A 26 1.94 -13.45 -17.16
CA ASP A 26 2.49 -12.29 -17.81
C ASP A 26 1.96 -11.05 -17.07
N LEU A 27 2.86 -10.28 -16.53
CA LEU A 27 2.49 -9.15 -15.67
C LEU A 27 1.78 -8.06 -16.46
N LEU A 28 2.16 -7.88 -17.73
CA LEU A 28 1.52 -6.88 -18.56
C LEU A 28 0.06 -7.28 -18.84
N GLU A 29 -0.23 -8.56 -19.05
CA GLU A 29 -1.60 -9.01 -19.16
C GLU A 29 -2.39 -8.69 -17.96
N ALA A 30 -1.83 -8.98 -16.79
CA ALA A 30 -2.48 -8.70 -15.56
C ALA A 30 -2.67 -7.18 -15.41
N ALA A 31 -1.65 -6.38 -15.80
CA ALA A 31 -1.78 -4.95 -15.70
C ALA A 31 -2.92 -4.39 -16.57
N PHE A 32 -3.17 -4.96 -17.74
CA PHE A 32 -4.30 -4.53 -18.56
C PHE A 32 -5.65 -4.71 -17.81
N ILE A 33 -5.77 -5.78 -17.06
CA ILE A 33 -7.00 -6.07 -16.32
C ILE A 33 -7.14 -5.06 -15.17
N VAL A 34 -6.04 -4.77 -14.46
CA VAL A 34 -6.05 -3.75 -13.42
C VAL A 34 -6.39 -2.37 -13.97
N ALA A 35 -5.82 -2.03 -15.12
CA ALA A 35 -6.08 -0.75 -15.77
C ALA A 35 -7.54 -0.59 -16.00
N ARG A 36 -8.20 -1.65 -16.43
CA ARG A 36 -9.60 -1.55 -16.76
C ARG A 36 -10.54 -1.50 -15.53
N HIS A 37 -10.24 -2.32 -14.51
CA HIS A 37 -11.20 -2.54 -13.42
C HIS A 37 -10.79 -1.91 -12.11
N GLY A 38 -9.49 -1.65 -11.90
CA GLY A 38 -9.01 -0.85 -10.76
C GLY A 38 -8.99 0.65 -11.08
N ASP A 39 -8.48 1.44 -10.13
CA ASP A 39 -8.38 2.89 -10.31
C ASP A 39 -6.93 3.30 -10.50
N GLN A 40 -5.99 2.49 -9.99
CA GLN A 40 -4.59 2.66 -10.33
C GLN A 40 -3.88 1.32 -10.21
N ILE A 41 -2.70 1.26 -10.85
CA ILE A 41 -1.88 0.10 -10.84
C ILE A 41 -0.73 0.44 -9.98
N THR A 42 -0.48 -0.37 -8.99
CA THR A 42 0.62 -0.18 -8.07
C THR A 42 1.64 -1.31 -8.22
N LEU A 43 2.93 -0.97 -8.19
CA LEU A 43 3.93 -1.99 -8.08
C LEU A 43 5.15 -1.46 -7.30
N HIS A 44 5.84 -2.35 -6.59
CA HIS A 44 7.05 -2.04 -5.85
C HIS A 44 8.30 -2.66 -6.54
N VAL A 45 9.14 -1.83 -7.14
CA VAL A 45 10.33 -2.35 -7.77
C VAL A 45 11.39 -2.20 -6.69
N ARG A 46 11.65 -3.31 -6.03
CA ARG A 46 12.58 -3.34 -4.92
C ARG A 46 14.02 -3.25 -5.44
N GLU A 47 14.94 -2.72 -4.62
CA GLU A 47 16.37 -2.71 -5.03
C GLU A 47 16.93 -4.08 -5.41
N ASP A 48 16.51 -5.12 -4.67
CA ASP A 48 16.89 -6.51 -4.90
C ASP A 48 16.09 -7.20 -6.03
N ARG A 49 15.16 -6.49 -6.67
CA ARG A 49 14.40 -7.05 -7.80
C ARG A 49 13.81 -8.41 -7.52
N ARG A 50 13.30 -8.57 -6.31
CA ARG A 50 12.68 -9.80 -5.90
C ARG A 50 11.45 -10.18 -6.76
N HIS A 51 10.64 -9.19 -7.13
CA HIS A 51 9.45 -9.53 -7.91
C HIS A 51 9.31 -8.62 -9.14
N ALA A 52 8.69 -7.47 -9.00
CA ALA A 52 8.53 -6.51 -10.11
C ALA A 52 9.91 -6.02 -10.57
N GLN A 53 10.05 -5.87 -11.88
CA GLN A 53 11.29 -5.45 -12.51
C GLN A 53 11.21 -4.09 -13.21
N ASP A 54 12.39 -3.54 -13.51
CA ASP A 54 12.49 -2.27 -14.23
C ASP A 54 11.64 -2.33 -15.50
N PHE A 55 11.73 -3.44 -16.22
CA PHE A 55 11.04 -3.55 -17.51
C PHE A 55 9.49 -3.61 -17.28
N ASP A 56 9.07 -4.07 -16.13
CA ASP A 56 7.65 -4.06 -15.78
C ASP A 56 7.16 -2.64 -15.65
N LEU A 57 7.98 -1.79 -15.01
CA LEU A 57 7.56 -0.41 -14.81
C LEU A 57 7.50 0.27 -16.17
N GLU A 58 8.49 -0.02 -16.99
CA GLU A 58 8.56 0.58 -18.32
C GLU A 58 7.36 0.15 -19.16
N ASN A 59 7.09 -1.14 -19.19
CA ASN A 59 6.02 -1.71 -19.97
C ASN A 59 4.65 -1.13 -19.53
N ILE A 60 4.38 -1.11 -18.24
CA ILE A 60 3.12 -0.61 -17.73
C ILE A 60 2.90 0.86 -18.05
N ILE A 61 3.97 1.66 -17.89
CA ILE A 61 3.88 3.06 -18.20
C ILE A 61 3.62 3.23 -19.70
N LYS A 62 4.29 2.42 -20.52
CA LYS A 62 4.19 2.58 -21.95
C LYS A 62 2.85 2.11 -22.51
N PHE A 63 2.24 1.11 -21.87
CA PHE A 63 1.09 0.40 -22.45
C PHE A 63 -0.25 0.49 -21.76
N CYS A 64 -0.32 0.83 -20.48
CA CYS A 64 -1.55 0.71 -19.70
C CYS A 64 -2.26 2.06 -19.50
N LYS A 65 -3.57 2.02 -19.70
CA LYS A 65 -4.44 3.18 -19.61
C LYS A 65 -4.92 3.30 -18.18
N SER A 66 -4.01 3.69 -17.31
CA SER A 66 -4.32 3.81 -15.91
C SER A 66 -3.22 4.62 -15.27
N PRO A 67 -3.54 5.40 -14.22
CA PRO A 67 -2.44 5.96 -13.47
C PRO A 67 -1.62 4.84 -12.85
N VAL A 68 -0.31 5.10 -12.75
CA VAL A 68 0.65 4.21 -12.20
C VAL A 68 1.21 4.75 -10.89
N ASN A 69 1.23 3.90 -9.86
CA ASN A 69 1.83 4.25 -8.59
C ASN A 69 3.02 3.30 -8.36
N LEU A 70 4.23 3.83 -8.51
CA LEU A 70 5.39 3.11 -8.16
C LEU A 70 5.74 3.22 -6.68
N GLU A 71 5.90 2.10 -6.01
CA GLU A 71 6.43 2.13 -4.67
C GLU A 71 7.91 1.95 -4.78
N CYS A 72 8.67 2.78 -4.09
CA CYS A 72 10.10 2.53 -4.04
C CYS A 72 10.75 3.15 -2.80
N ALA A 73 11.99 2.74 -2.55
CA ALA A 73 12.76 3.19 -1.38
C ALA A 73 13.68 4.32 -1.81
N LEU A 74 14.58 4.73 -0.93
CA LEU A 74 15.37 5.95 -1.14
C LEU A 74 16.73 5.69 -1.75
N ASN A 75 16.87 4.66 -2.58
CA ASN A 75 18.12 4.41 -3.28
C ASN A 75 18.10 5.18 -4.58
N ASP A 76 19.27 5.69 -4.99
CA ASP A 76 19.37 6.48 -6.22
C ASP A 76 18.92 5.74 -7.48
N GLU A 77 19.27 4.47 -7.60
CA GLU A 77 18.95 3.73 -8.82
CA GLU A 77 18.96 3.75 -8.82
C GLU A 77 17.46 3.74 -9.15
N ILE A 78 16.64 3.44 -8.16
CA ILE A 78 15.18 3.37 -8.40
C ILE A 78 14.60 4.80 -8.52
N LEU A 79 15.16 5.74 -7.76
CA LEU A 79 14.69 7.12 -7.84
C LEU A 79 14.95 7.64 -9.23
N ASN A 80 16.15 7.39 -9.77
CA ASN A 80 16.48 7.83 -11.11
C ASN A 80 15.54 7.22 -12.15
N LEU A 81 15.27 5.94 -12.00
CA LEU A 81 14.30 5.26 -12.87
C LEU A 81 12.92 5.96 -12.87
N ALA A 82 12.44 6.30 -11.66
CA ALA A 82 11.20 7.07 -11.51
C ALA A 82 11.28 8.38 -12.24
N LEU A 83 12.40 9.11 -12.03
CA LEU A 83 12.64 10.37 -12.72
C LEU A 83 12.69 10.22 -14.24
N LYS A 84 13.24 9.09 -14.72
CA LYS A 84 13.28 8.83 -16.16
C LYS A 84 11.90 8.50 -16.73
N LEU A 85 11.20 7.56 -16.09
CA LEU A 85 9.94 7.04 -16.65
C LEU A 85 8.70 7.84 -16.27
N LYS A 86 8.73 8.52 -15.13
CA LYS A 86 7.66 9.41 -14.68
C LYS A 86 6.31 8.68 -14.48
N PRO A 87 6.27 7.73 -13.56
CA PRO A 87 4.96 7.30 -13.15
C PRO A 87 4.15 8.51 -12.61
N HIS A 88 2.85 8.35 -12.52
CA HIS A 88 2.00 9.41 -12.00
C HIS A 88 2.29 9.72 -10.56
N ARG A 89 2.56 8.67 -9.78
CA ARG A 89 2.75 8.80 -8.36
C ARG A 89 3.89 7.89 -7.94
N VAL A 90 4.64 8.34 -6.97
CA VAL A 90 5.61 7.53 -6.26
C VAL A 90 5.29 7.45 -4.77
N THR A 91 5.21 6.23 -4.24
CA THR A 91 4.94 6.01 -2.82
C THR A 91 6.28 5.54 -2.22
N LEU A 92 6.83 6.32 -1.31
CA LEU A 92 8.16 6.08 -0.75
C LEU A 92 7.94 5.15 0.40
N VAL A 93 8.65 4.03 0.35
CA VAL A 93 8.50 2.96 1.31
C VAL A 93 9.86 2.51 1.81
N PRO A 94 9.91 1.99 3.02
CA PRO A 94 11.21 1.53 3.51
C PRO A 94 11.57 0.13 2.99
N GLU A 95 12.83 -0.05 2.62
CA GLU A 95 13.39 -1.37 2.26
C GLU A 95 14.64 -1.65 3.12
N LYS A 96 15.55 -0.67 3.26
CA LYS A 96 16.78 -0.82 4.11
C LYS A 96 16.54 -0.40 5.58
N ARG A 97 17.47 -0.80 6.45
CA ARG A 97 17.33 -0.55 7.89
C ARG A 97 17.22 0.94 8.20
N GLU A 98 18.07 1.73 7.54
CA GLU A 98 18.12 3.18 7.66
C GLU A 98 16.76 3.87 7.29
N GLU A 99 15.97 3.18 6.46
CA GLU A 99 14.65 3.71 6.06
C GLU A 99 13.52 3.21 6.97
N LEU A 100 13.81 2.17 7.74
CA LEU A 100 12.78 1.46 8.49
C LEU A 100 12.48 2.08 9.85
N THR A 101 11.23 1.91 10.29
CA THR A 101 10.85 2.07 11.69
C THR A 101 10.44 0.69 12.22
N THR A 102 10.35 0.54 13.54
CA THR A 102 9.98 -0.73 14.17
C THR A 102 8.58 -1.23 13.73
N GLU A 103 7.69 -0.31 13.39
CA GLU A 103 6.29 -0.61 13.11
CA GLU A 103 6.29 -0.65 13.10
C GLU A 103 6.06 -0.85 11.62
N GLY A 104 6.97 -0.33 10.78
CA GLY A 104 6.96 -0.65 9.34
C GLY A 104 6.75 0.49 8.36
N GLY A 105 6.31 1.64 8.88
CA GLY A 105 6.23 2.83 8.06
C GLY A 105 7.63 3.38 7.83
N LEU A 106 7.72 4.32 6.91
CA LEU A 106 8.96 5.00 6.56
C LEU A 106 9.48 5.82 7.74
N CYS A 107 10.81 5.83 7.90
CA CYS A 107 11.46 6.70 8.88
C CYS A 107 11.50 8.11 8.30
N LEU A 108 10.74 9.02 8.89
CA LEU A 108 10.55 10.35 8.27
C LEU A 108 11.71 11.31 8.56
N ASN A 109 12.65 10.85 9.38
CA ASN A 109 13.92 11.58 9.60
C ASN A 109 15.06 11.17 8.65
N HIS A 110 14.82 10.24 7.74
CA HIS A 110 15.90 9.82 6.87
C HIS A 110 16.56 11.02 6.19
N ALA A 111 17.90 11.02 6.11
CA ALA A 111 18.68 12.15 5.58
C ALA A 111 18.34 12.53 4.14
N LYS A 112 18.14 11.52 3.31
CA LYS A 112 17.74 11.67 1.89
C LYS A 112 16.25 11.92 1.61
N LEU A 113 15.40 11.85 2.62
CA LEU A 113 13.96 11.93 2.34
C LEU A 113 13.54 13.26 1.74
N LYS A 114 13.93 14.38 2.35
CA LYS A 114 13.46 15.67 1.90
C LYS A 114 13.87 15.95 0.45
N GLN A 115 15.14 15.70 0.11
CA GLN A 115 15.68 15.91 -1.25
CA GLN A 115 15.57 16.00 -1.27
C GLN A 115 15.01 14.96 -2.26
N SER A 116 14.81 13.72 -1.84
CA SER A 116 14.06 12.74 -2.69
C SER A 116 12.66 13.27 -3.10
N ILE A 117 11.92 13.75 -2.11
CA ILE A 117 10.62 14.35 -2.35
C ILE A 117 10.70 15.52 -3.31
N GLU A 118 11.65 16.41 -3.06
CA GLU A 118 11.90 17.54 -3.93
C GLU A 118 12.22 17.12 -5.34
N LYS A 119 13.12 16.15 -5.53
CA LYS A 119 13.49 15.66 -6.86
C LYS A 119 12.22 15.17 -7.58
N LEU A 120 11.40 14.39 -6.86
CA LEU A 120 10.22 13.80 -7.50
C LEU A 120 9.21 14.89 -7.90
N GLN A 121 8.87 15.76 -6.97
CA GLN A 121 7.93 16.88 -7.23
C GLN A 121 8.44 17.86 -8.30
N ASN A 122 9.73 18.09 -8.32
CA ASN A 122 10.34 18.88 -9.38
CA ASN A 122 10.34 18.87 -9.39
C ASN A 122 10.10 18.23 -10.76
N ALA A 123 10.03 16.89 -10.78
CA ALA A 123 9.71 16.17 -12.01
C ALA A 123 8.18 15.99 -12.19
N ASN A 124 7.38 16.68 -11.39
CA ASN A 124 5.94 16.61 -11.53
C ASN A 124 5.34 15.25 -11.24
N ILE A 125 6.02 14.46 -10.41
CA ILE A 125 5.51 13.21 -9.88
C ILE A 125 4.86 13.45 -8.53
N GLU A 126 3.63 12.95 -8.36
CA GLU A 126 2.93 13.03 -7.08
CA GLU A 126 2.92 13.02 -7.09
C GLU A 126 3.68 12.18 -6.08
N VAL A 127 3.82 12.66 -4.86
CA VAL A 127 4.53 11.91 -3.83
C VAL A 127 3.61 11.51 -2.66
N SER A 128 3.63 10.21 -2.32
CA SER A 128 2.95 9.68 -1.16
C SER A 128 3.98 9.11 -0.17
N LEU A 129 3.78 9.32 1.12
CA LEU A 129 4.66 8.72 2.13
C LEU A 129 3.90 7.62 2.82
N PHE A 130 4.47 6.41 2.80
CA PHE A 130 3.90 5.29 3.53
C PHE A 130 4.38 5.35 4.97
N ILE A 131 3.42 5.55 5.87
CA ILE A 131 3.74 5.84 7.26
C ILE A 131 2.97 5.07 8.28
N ASN A 132 3.58 4.94 9.47
CA ASN A 132 2.86 4.47 10.62
C ASN A 132 1.69 5.42 10.92
N PRO A 133 0.59 4.88 11.46
CA PRO A 133 -0.48 5.79 11.84
C PRO A 133 -0.21 6.49 13.19
N SER A 134 0.66 7.49 13.17
CA SER A 134 0.87 8.33 14.32
C SER A 134 0.64 9.78 13.94
N LEU A 135 0.04 10.55 14.85
CA LEU A 135 -0.22 11.96 14.59
C LEU A 135 1.10 12.72 14.31
N GLU A 136 2.17 12.34 14.99
CA GLU A 136 3.47 12.95 14.75
CA GLU A 136 3.50 12.92 14.74
C GLU A 136 3.94 12.73 13.31
N ASP A 137 3.83 11.49 12.80
CA ASP A 137 4.26 11.18 11.42
C ASP A 137 3.37 11.92 10.39
N ILE A 138 2.10 12.06 10.70
CA ILE A 138 1.22 12.84 9.83
C ILE A 138 1.67 14.31 9.74
N GLU A 139 2.03 14.90 10.88
CA GLU A 139 2.39 16.31 10.89
C GLU A 139 3.70 16.48 10.15
N LYS A 140 4.66 15.58 10.38
CA LYS A 140 5.93 15.62 9.61
C LYS A 140 5.75 15.46 8.12
N SER A 141 4.82 14.60 7.71
CA SER A 141 4.55 14.38 6.30
C SER A 141 4.04 15.67 5.67
N LYS A 142 3.23 16.41 6.43
CA LYS A 142 2.73 17.71 5.96
C LYS A 142 3.91 18.68 5.77
N ILE A 143 4.81 18.69 6.74
CA ILE A 143 6.01 19.55 6.70
C ILE A 143 6.90 19.21 5.51
N LEU A 144 7.00 17.91 5.17
CA LEU A 144 7.85 17.46 4.06
C LEU A 144 7.21 17.71 2.71
N LYS A 145 5.97 18.20 2.72
CA LYS A 145 5.23 18.63 1.56
C LYS A 145 4.66 17.49 0.73
N ALA A 146 4.50 16.34 1.35
CA ALA A 146 3.79 15.23 0.69
C ALA A 146 2.37 15.64 0.27
N GLN A 147 1.94 15.23 -0.92
CA GLN A 147 0.55 15.41 -1.34
C GLN A 147 -0.34 14.31 -0.71
N PHE A 148 0.21 13.11 -0.57
CA PHE A 148 -0.47 11.96 -0.02
C PHE A 148 0.30 11.37 1.12
N ILE A 149 -0.44 10.76 2.01
CA ILE A 149 0.12 9.83 2.98
C ILE A 149 -0.66 8.52 2.84
N GLU A 150 0.01 7.41 3.16
CA GLU A 150 -0.64 6.12 3.13
C GLU A 150 -0.43 5.48 4.47
N LEU A 151 -1.53 5.26 5.20
CA LEU A 151 -1.46 4.69 6.52
C LEU A 151 -1.27 3.18 6.43
N HIS A 152 -0.28 2.70 7.19
CA HIS A 152 0.07 1.29 7.34
C HIS A 152 -1.00 0.57 8.14
N THR A 153 -1.81 -0.25 7.47
CA THR A 153 -2.88 -1.02 8.12
C THR A 153 -2.43 -2.41 8.56
N GLY A 154 -1.14 -2.67 8.51
CA GLY A 154 -0.59 -3.99 8.83
C GLY A 154 -0.89 -4.57 10.20
N HIS A 155 -0.79 -3.75 11.25
N HIS A 155 -0.81 -3.75 11.23
CA HIS A 155 -1.08 -4.22 12.61
CA HIS A 155 -1.05 -4.24 12.59
C HIS A 155 -2.57 -4.44 12.78
C HIS A 155 -2.56 -4.41 12.82
N TYR A 156 -3.36 -3.49 12.28
CA TYR A 156 -4.83 -3.63 12.26
C TYR A 156 -5.23 -5.01 11.64
N ALA A 157 -4.67 -5.29 10.48
CA ALA A 157 -4.99 -6.48 9.67
C ALA A 157 -4.65 -7.74 10.47
N ASN A 158 -3.42 -7.80 10.99
CA ASN A 158 -3.04 -8.96 11.78
C ASN A 158 -3.94 -9.16 12.99
N LEU A 159 -4.32 -8.06 13.64
CA LEU A 159 -5.27 -8.16 14.77
C LEU A 159 -6.63 -8.70 14.33
N HIS A 160 -7.15 -8.16 13.24
CA HIS A 160 -8.41 -8.61 12.71
C HIS A 160 -8.34 -10.10 12.40
N ASN A 161 -7.28 -10.49 11.70
CA ASN A 161 -7.12 -11.92 11.36
C ASN A 161 -7.14 -12.79 12.59
N ALA A 162 -6.46 -12.37 13.67
CA ALA A 162 -6.32 -13.20 14.90
C ALA A 162 -7.67 -13.36 15.60
N LEU A 163 -8.43 -12.29 15.56
CA LEU A 163 -9.72 -12.24 16.24
C LEU A 163 -10.89 -12.90 15.51
N PHE A 164 -10.94 -12.76 14.18
CA PHE A 164 -12.11 -13.15 13.43
C PHE A 164 -11.90 -14.23 12.38
N SER A 165 -10.69 -14.82 12.36
CA SER A 165 -10.42 -15.97 11.49
C SER A 165 -9.76 -17.10 12.24
N ASN A 166 -9.35 -18.13 11.51
CA ASN A 166 -8.78 -19.31 12.09
C ASN A 166 -7.24 -19.27 12.19
N ILE A 167 -6.61 -18.15 11.89
CA ILE A 167 -5.17 -18.08 11.63
C ILE A 167 -4.37 -18.55 12.88
N SER A 168 -4.90 -18.32 14.07
CA SER A 168 -4.21 -18.73 15.29
C SER A 168 -4.14 -20.22 15.49
N HIS A 169 -4.95 -20.99 14.73
CA HIS A 169 -4.91 -22.45 14.83
C HIS A 169 -4.06 -23.04 13.74
N THR A 170 -3.33 -22.21 12.99
CA THR A 170 -2.59 -22.70 11.84
C THR A 170 -1.10 -22.45 12.06
N ALA A 171 -0.28 -23.02 11.19
CA ALA A 171 1.18 -22.79 11.24
C ALA A 171 1.55 -21.37 10.97
N PHE A 172 0.60 -20.54 10.51
CA PHE A 172 0.85 -19.13 10.24
C PHE A 172 0.53 -18.15 11.39
N ALA A 173 0.16 -18.71 12.53
CA ALA A 173 -0.15 -17.93 13.73
C ALA A 173 1.04 -17.04 14.14
N LEU A 174 0.77 -15.82 14.58
CA LEU A 174 1.84 -14.90 14.94
C LEU A 174 2.06 -15.06 16.45
N LYS A 175 3.28 -15.38 16.82
CA LYS A 175 3.55 -15.63 18.23
CA LYS A 175 3.59 -15.61 18.22
C LYS A 175 3.22 -14.38 19.05
N GLU A 176 3.53 -13.21 18.53
CA GLU A 176 3.24 -11.94 19.25
C GLU A 176 1.72 -11.75 19.58
N LEU A 177 0.82 -12.29 18.75
CA LEU A 177 -0.61 -12.22 19.03
C LEU A 177 -1.14 -13.43 19.80
N ASP A 178 -0.24 -14.20 20.42
CA ASP A 178 -0.66 -15.26 21.33
C ASP A 178 -0.91 -14.66 22.73
N GLN A 179 -2.04 -13.97 22.86
CA GLN A 179 -2.40 -13.27 24.08
C GLN A 179 -3.88 -13.46 24.26
N ASP A 180 -4.44 -13.13 25.41
CA ASP A 180 -5.87 -13.41 25.56
C ASP A 180 -6.74 -12.46 24.73
N LYS A 181 -7.93 -12.98 24.37
CA LYS A 181 -8.88 -12.32 23.44
C LYS A 181 -9.20 -10.87 23.88
N LYS A 182 -9.36 -10.66 25.19
CA LYS A 182 -9.71 -9.32 25.70
C LYS A 182 -8.62 -8.32 25.39
N THR A 183 -7.37 -8.66 25.65
CA THR A 183 -6.27 -7.76 25.30
C THR A 183 -6.24 -7.52 23.77
N LEU A 184 -6.37 -8.60 22.98
CA LEU A 184 -6.40 -8.47 21.52
C LEU A 184 -7.55 -7.57 21.08
N GLN A 185 -8.71 -7.76 21.66
CA GLN A 185 -9.90 -6.99 21.29
C GLN A 185 -9.74 -5.49 21.62
N ALA A 186 -9.16 -5.20 22.81
CA ALA A 186 -8.81 -3.80 23.16
C ALA A 186 -7.80 -3.19 22.18
N GLN A 187 -6.75 -3.93 21.86
CA GLN A 187 -5.75 -3.46 20.86
C GLN A 187 -6.37 -3.24 19.48
N PHE A 188 -7.23 -4.16 19.06
CA PHE A 188 -7.92 -4.02 17.80
C PHE A 188 -8.75 -2.71 17.78
N GLU A 189 -9.55 -2.48 18.82
CA GLU A 189 -10.40 -1.29 18.87
C GLU A 189 -9.55 -0.01 18.83
N LYS A 190 -8.47 -0.01 19.59
CA LYS A 190 -7.55 1.14 19.62
C LYS A 190 -6.94 1.41 18.24
N GLU A 191 -6.55 0.32 17.59
CA GLU A 191 -5.85 0.42 16.32
C GLU A 191 -6.82 1.00 15.29
N LEU A 192 -8.09 0.59 15.34
CA LEU A 192 -9.08 1.05 14.37
C LEU A 192 -9.44 2.52 14.64
N GLN A 193 -9.52 2.83 15.93
CA GLN A 193 -9.84 4.17 16.38
CA GLN A 193 -9.83 4.17 16.39
C GLN A 193 -8.72 5.08 15.91
N ASN A 194 -7.49 4.63 16.10
CA ASN A 194 -6.35 5.39 15.71
C ASN A 194 -6.26 5.65 14.20
N LEU A 195 -6.62 4.63 13.40
CA LEU A 195 -6.62 4.82 11.96
C LEU A 195 -7.58 5.93 11.59
N GLU A 196 -8.76 5.96 12.23
CA GLU A 196 -9.74 7.01 11.97
C GLU A 196 -9.27 8.42 12.38
N LEU A 197 -8.72 8.50 13.57
CA LEU A 197 -8.13 9.72 14.06
C LEU A 197 -7.03 10.27 13.13
N CYS A 198 -6.15 9.39 12.68
CA CYS A 198 -5.06 9.79 11.78
C CYS A 198 -5.60 10.22 10.44
N ALA A 199 -6.62 9.56 9.92
CA ALA A 199 -7.20 9.96 8.61
C ALA A 199 -7.79 11.35 8.74
N LYS A 200 -8.51 11.59 9.81
CA LYS A 200 -9.12 12.91 10.05
C LYS A 200 -8.05 13.99 10.15
N LYS A 201 -6.98 13.70 10.87
CA LYS A 201 -5.87 14.62 11.00
C LYS A 201 -5.23 14.92 9.64
N GLY A 202 -5.01 13.87 8.85
CA GLY A 202 -4.45 14.03 7.53
C GLY A 202 -5.31 14.96 6.69
N LEU A 203 -6.60 14.69 6.71
CA LEU A 203 -7.55 15.49 5.95
C LEU A 203 -7.57 16.93 6.47
N GLU A 204 -7.52 17.11 7.79
CA GLU A 204 -7.48 18.47 8.38
C GLU A 204 -6.27 19.30 7.86
N LEU A 205 -5.16 18.64 7.58
CA LEU A 205 -3.93 19.29 7.14
C LEU A 205 -3.83 19.41 5.63
N GLY A 206 -4.91 19.04 4.93
CA GLY A 206 -4.88 19.12 3.46
C GLY A 206 -4.17 17.98 2.76
N LEU A 207 -3.92 16.87 3.44
CA LEU A 207 -3.25 15.74 2.80
C LEU A 207 -4.34 14.82 2.21
N LYS A 208 -4.05 14.13 1.14
CA LYS A 208 -4.91 13.03 0.71
C LYS A 208 -4.52 11.77 1.45
N VAL A 209 -5.50 11.00 1.90
CA VAL A 209 -5.20 9.91 2.77
C VAL A 209 -5.55 8.54 2.10
N ALA A 210 -4.53 7.69 1.93
CA ALA A 210 -4.66 6.34 1.42
C ALA A 210 -4.36 5.39 2.59
N ALA A 211 -4.63 4.08 2.42
CA ALA A 211 -4.35 3.11 3.48
C ALA A 211 -3.98 1.79 2.79
N GLY A 212 -3.12 1.02 3.41
CA GLY A 212 -2.68 -0.25 2.81
C GLY A 212 -1.70 -1.05 3.66
N HIS A 213 -1.64 -2.36 3.27
CA HIS A 213 -0.89 -3.47 3.89
CA HIS A 213 -0.92 -3.53 3.80
C HIS A 213 -1.85 -4.37 4.66
N GLY A 214 -2.08 -5.59 4.16
CA GLY A 214 -2.75 -6.62 4.91
C GLY A 214 -4.23 -6.62 4.72
N LEU A 215 -4.75 -5.67 3.96
CA LEU A 215 -6.17 -5.57 3.79
C LEU A 215 -6.71 -6.76 3.01
N ASN A 216 -7.82 -7.34 3.47
CA ASN A 216 -8.37 -8.47 2.79
C ASN A 216 -9.89 -8.36 2.77
N TYR A 217 -10.56 -9.39 2.27
CA TYR A 217 -11.97 -9.25 1.96
C TYR A 217 -12.81 -9.24 3.25
N LYS A 218 -12.20 -9.56 4.38
CA LYS A 218 -12.91 -9.56 5.67
C LYS A 218 -12.56 -8.32 6.50
N ASN A 219 -11.28 -8.04 6.64
CA ASN A 219 -10.81 -6.94 7.48
C ASN A 219 -10.93 -5.56 6.87
N VAL A 220 -11.29 -5.47 5.60
CA VAL A 220 -11.43 -4.16 4.95
C VAL A 220 -12.68 -3.43 5.38
N LYS A 221 -13.69 -4.17 5.82
CA LYS A 221 -14.99 -3.60 5.99
C LYS A 221 -15.09 -2.45 7.01
N PRO A 222 -14.40 -2.56 8.15
CA PRO A 222 -14.44 -1.39 9.06
C PRO A 222 -13.57 -0.23 8.55
N VAL A 223 -12.61 -0.51 7.69
CA VAL A 223 -11.78 0.56 7.17
C VAL A 223 -12.56 1.44 6.17
N VAL A 224 -13.44 0.81 5.41
CA VAL A 224 -14.29 1.52 4.42
C VAL A 224 -15.16 2.60 5.15
N LYS A 225 -15.57 2.32 6.38
CA LYS A 225 -16.38 3.27 7.14
C LYS A 225 -15.61 4.50 7.59
N ILE A 226 -14.30 4.56 7.35
CA ILE A 226 -13.52 5.76 7.70
C ILE A 226 -13.60 6.67 6.48
N LYS A 227 -14.48 7.67 6.58
CA LYS A 227 -14.88 8.56 5.48
CA LYS A 227 -14.85 8.44 5.41
C LYS A 227 -13.70 9.30 4.89
N GLU A 228 -12.70 9.54 5.73
CA GLU A 228 -11.57 10.43 5.40
C GLU A 228 -10.44 9.71 4.67
N ILE A 229 -10.51 8.40 4.58
CA ILE A 229 -9.63 7.65 3.69
C ILE A 229 -10.24 7.60 2.28
N CYS A 230 -9.51 8.10 1.29
CA CYS A 230 -10.06 8.20 -0.07
C CYS A 230 -9.61 7.05 -0.97
N GLU A 231 -8.64 6.25 -0.53
CA GLU A 231 -8.01 5.23 -1.41
C GLU A 231 -7.41 4.08 -0.61
N LEU A 232 -7.62 2.85 -1.07
CA LEU A 232 -6.96 1.69 -0.46
C LEU A 232 -6.07 1.10 -1.52
N ASN A 233 -4.91 0.66 -1.08
CA ASN A 233 -3.96 -0.01 -1.93
C ASN A 233 -3.85 -1.43 -1.43
N ILE A 234 -4.23 -2.34 -2.30
CA ILE A 234 -4.35 -3.73 -1.89
C ILE A 234 -3.79 -4.64 -2.97
N GLY A 235 -3.02 -5.62 -2.53
CA GLY A 235 -2.31 -6.54 -3.46
C GLY A 235 -2.52 -8.00 -3.13
N GLN A 236 -1.91 -8.43 -2.03
CA GLN A 236 -1.74 -9.84 -1.78
C GLN A 236 -3.08 -10.57 -1.66
N SER A 237 -4.04 -9.97 -0.99
CA SER A 237 -5.33 -10.62 -0.80
C SER A 237 -6.07 -10.75 -2.11
N ILE A 238 -5.89 -9.76 -3.01
CA ILE A 238 -6.54 -9.82 -4.31
C ILE A 238 -5.95 -10.92 -5.19
N VAL A 239 -4.63 -11.01 -5.24
CA VAL A 239 -3.97 -12.04 -6.02
C VAL A 239 -4.30 -13.45 -5.44
N ALA A 240 -4.37 -13.56 -4.11
CA ALA A 240 -4.75 -14.79 -3.48
C ALA A 240 -6.20 -15.18 -3.80
N ARG A 241 -7.11 -14.21 -3.90
CA ARG A 241 -8.50 -14.49 -4.31
CA ARG A 241 -8.49 -14.50 -4.31
C ARG A 241 -8.56 -14.87 -5.79
N SER A 242 -7.74 -14.22 -6.60
CA SER A 242 -7.75 -14.46 -8.03
C SER A 242 -7.47 -15.93 -8.42
N VAL A 243 -6.68 -16.65 -7.61
CA VAL A 243 -6.44 -18.05 -7.86
C VAL A 243 -7.77 -18.76 -7.89
N PHE A 244 -8.76 -18.29 -7.13
CA PHE A 244 -10.04 -18.96 -7.14
C PHE A 244 -11.03 -18.38 -8.14
N THR A 245 -11.01 -17.07 -8.36
CA THR A 245 -12.08 -16.42 -9.17
C THR A 245 -11.59 -15.76 -10.43
N GLY A 246 -10.28 -15.61 -10.59
CA GLY A 246 -9.74 -14.83 -11.67
C GLY A 246 -9.60 -13.39 -11.26
N LEU A 247 -8.62 -12.68 -11.82
CA LEU A 247 -8.27 -11.41 -11.34
C LEU A 247 -9.39 -10.35 -11.56
N GLN A 248 -10.03 -10.38 -12.71
CA GLN A 248 -11.16 -9.49 -12.96
C GLN A 248 -12.20 -9.51 -11.83
N ASN A 249 -12.67 -10.71 -11.53
CA ASN A 249 -13.69 -10.91 -10.50
C ASN A 249 -13.15 -10.61 -9.10
N ALA A 250 -11.89 -10.90 -8.86
CA ALA A 250 -11.27 -10.59 -7.57
C ALA A 250 -11.31 -9.06 -7.32
N ILE A 251 -10.97 -8.29 -8.35
CA ILE A 251 -10.96 -6.81 -8.27
C ILE A 251 -12.42 -6.31 -8.11
N LEU A 252 -13.32 -6.81 -8.91
CA LEU A 252 -14.69 -6.40 -8.89
C LEU A 252 -15.35 -6.72 -7.57
N GLU A 253 -15.00 -7.86 -6.98
CA GLU A 253 -15.49 -8.21 -5.66
CA GLU A 253 -15.49 -8.21 -5.66
C GLU A 253 -15.02 -7.20 -4.63
N MSE A 254 -13.75 -6.80 -4.69
CA MSE A 254 -13.23 -5.86 -3.74
C MSE A 254 -13.91 -4.48 -3.93
O MSE A 254 -14.32 -3.83 -2.97
CB MSE A 254 -11.70 -5.77 -3.81
CG MSE A 254 -11.13 -4.73 -2.83
SE MSE A 254 -11.45 -5.20 -0.95
CE MSE A 254 -10.23 -6.63 -0.72
N LYS A 255 -14.07 -4.05 -5.17
CA LYS A 255 -14.77 -2.83 -5.46
C LYS A 255 -16.17 -2.81 -4.87
N GLU A 256 -16.87 -3.94 -4.89
CA GLU A 256 -18.19 -3.99 -4.30
C GLU A 256 -18.11 -3.76 -2.78
N LEU A 257 -17.10 -4.30 -2.13
CA LEU A 257 -16.97 -4.17 -0.67
C LEU A 257 -16.66 -2.75 -0.22
N ILE A 258 -15.99 -1.98 -1.06
CA ILE A 258 -15.58 -0.65 -0.67
C ILE A 258 -16.56 0.47 -1.11
N LYS A 259 -17.69 0.08 -1.67
CA LYS A 259 -18.78 0.98 -1.94
C LYS A 259 -19.28 1.60 -0.64
N ARG A 260 -19.56 2.89 -0.70
CA ARG A 260 -20.10 3.57 0.50
C ARG A 260 -20.95 4.78 0.14
N1 PXP B . 0.69 -0.08 0.20
C2 PXP B . 2.04 -0.12 0.25
C2A PXP B . 2.79 1.18 0.57
C3 PXP B . 2.71 -1.33 0.01
O3 PXP B . 4.08 -1.40 0.04
C4 PXP B . 1.98 -2.49 -0.27
C4A PXP B . 2.75 -3.78 -0.56
O4A PXP B . 3.31 -4.40 0.61
C5 PXP B . 0.59 -2.42 -0.34
C6 PXP B . -0.03 -1.20 -0.05
C5A PXP B . -0.29 -3.62 -0.61
O4P PXP B . -0.20 -4.47 0.53
P PXP B . -0.79 -5.93 0.51
O1P PXP B . -0.63 -6.44 1.89
O2P PXP B . -0.08 -6.74 -0.54
O3P PXP B . -2.27 -5.74 0.20
P PO4 C . 5.14 -7.02 -1.23
O1 PO4 C . 4.65 -8.25 -0.57
O2 PO4 C . 6.56 -7.24 -1.67
O3 PO4 C . 4.18 -6.47 -2.35
O4 PO4 C . 5.33 -5.98 -0.12
P PO4 D . 13.22 -23.09 -16.61
O1 PO4 D . 11.82 -23.55 -16.23
O2 PO4 D . 13.92 -24.23 -17.33
O3 PO4 D . 13.09 -21.88 -17.53
O4 PO4 D . 14.00 -22.70 -15.34
#